data_2CW3
#
_entry.id   2CW3
#
_cell.length_a   61.430
_cell.length_b   73.894
_cell.length_c   94.530
_cell.angle_alpha   90.00
_cell.angle_beta   90.00
_cell.angle_gamma   90.00
#
_symmetry.space_group_name_H-M   'P 21 21 21'
#
loop_
_entity.id
_entity.type
_entity.pdbx_description
1 polymer 'iron superoxide dismutase'
2 non-polymer 'FE (III) ION'
3 water water
#
_entity_poly.entity_id   1
_entity_poly.type   'polypeptide(L)'
_entity_poly.pdbx_seq_one_letter_code
;MRLSGSDGRRLTYRTSPRVRASLLLLGAIVLLVYFAETLFVVCRGSMDSRAVRHAIPSGKGLRAKPFVPSRSGVAPSSGL
RMTLPYGLEALEPVISAATVDFHYNKHHQGYIQKLLDATGLPESRINLKSLVTLGPDRAGENVFNAAGQIYNHNMYWLSM
VPTSGSGRHVPPRLLKLIRARWGNVDEMKENFMRKATALFGSGWIWLVWDTRERRLDLVGTKDAHSPLSEDAGKIPLFTC
DVWEHAYYLDYQHDRAAYLTRWWSLINWEFADSNLPSDIE
;
_entity_poly.pdbx_strand_id   A,B
#
# COMPACT_ATOMS: atom_id res chain seq x y z
N PRO A 76 -24.35 -6.58 -10.93
CA PRO A 76 -23.53 -5.36 -11.21
C PRO A 76 -22.15 -5.54 -10.60
N SER A 77 -22.14 -6.03 -9.37
CA SER A 77 -20.97 -6.25 -8.51
C SER A 77 -19.97 -7.24 -9.10
N SER A 78 -20.47 -8.18 -9.90
CA SER A 78 -19.59 -9.08 -10.64
C SER A 78 -19.16 -8.33 -11.88
N GLY A 79 -18.75 -9.04 -12.94
CA GLY A 79 -18.54 -8.39 -14.23
C GLY A 79 -17.32 -7.49 -14.38
N LEU A 80 -16.49 -7.84 -15.37
CA LEU A 80 -15.24 -7.14 -15.65
C LEU A 80 -15.29 -5.61 -15.60
N ARG A 81 -16.17 -5.03 -16.42
CA ARG A 81 -16.07 -3.63 -16.82
C ARG A 81 -17.28 -2.85 -16.31
N MET A 82 -17.28 -2.57 -15.00
CA MET A 82 -18.37 -1.85 -14.35
C MET A 82 -18.21 -0.36 -14.57
N THR A 83 -19.28 0.27 -15.02
CA THR A 83 -19.29 1.71 -15.24
C THR A 83 -19.45 2.40 -13.85
N LEU A 84 -18.87 3.57 -13.67
CA LEU A 84 -19.08 4.28 -12.40
C LEU A 84 -20.54 4.58 -12.30
N PRO A 85 -21.20 4.18 -11.20
CA PRO A 85 -22.65 4.41 -11.14
C PRO A 85 -23.00 5.88 -10.94
N TYR A 86 -21.99 6.75 -10.91
CA TYR A 86 -22.17 8.20 -10.68
C TYR A 86 -21.02 9.04 -11.26
N GLY A 87 -21.22 10.36 -11.28
CA GLY A 87 -20.24 11.32 -11.79
C GLY A 87 -19.02 11.33 -10.90
N LEU A 88 -17.94 11.91 -11.40
CA LEU A 88 -16.66 11.96 -10.70
C LEU A 88 -16.66 12.86 -9.47
N GLU A 89 -17.56 13.82 -9.42
CA GLU A 89 -17.60 14.69 -8.26
C GLU A 89 -18.73 14.34 -7.27
N ALA A 90 -19.52 13.32 -7.58
CA ALA A 90 -20.68 12.98 -6.74
C ALA A 90 -20.35 12.50 -5.33
N LEU A 91 -19.07 12.31 -5.03
CA LEU A 91 -18.72 11.93 -3.66
C LEU A 91 -18.16 13.11 -2.89
N GLU A 92 -18.17 14.29 -3.51
CA GLU A 92 -17.66 15.47 -2.84
C GLU A 92 -18.56 15.88 -1.67
N PRO A 93 -18.00 16.48 -0.60
CA PRO A 93 -16.61 16.84 -0.38
C PRO A 93 -15.85 15.79 0.42
N VAL A 94 -16.26 14.52 0.37
CA VAL A 94 -15.58 13.47 1.15
C VAL A 94 -14.38 12.96 0.36
N ILE A 95 -14.62 12.68 -0.92
CA ILE A 95 -13.59 12.25 -1.86
C ILE A 95 -13.70 13.16 -3.09
N SER A 96 -12.65 13.94 -3.31
CA SER A 96 -12.60 14.88 -4.40
C SER A 96 -12.87 14.24 -5.78
N ALA A 97 -13.28 15.09 -6.73
CA ALA A 97 -13.35 14.71 -8.14
C ALA A 97 -11.98 14.19 -8.63
N ALA A 98 -10.91 14.83 -8.19
CA ALA A 98 -9.58 14.43 -8.63
C ALA A 98 -9.25 13.01 -8.23
N THR A 99 -9.59 12.65 -6.99
CA THR A 99 -9.37 11.29 -6.50
C THR A 99 -10.23 10.28 -7.27
N VAL A 100 -11.52 10.52 -7.42
CA VAL A 100 -12.36 9.56 -8.16
C VAL A 100 -11.81 9.35 -9.58
N ASP A 101 -11.33 10.43 -10.18
CA ASP A 101 -10.81 10.39 -11.53
C ASP A 101 -9.61 9.45 -11.63
N PHE A 102 -8.61 9.65 -10.76
CA PHE A 102 -7.44 8.80 -10.77
C PHE A 102 -7.81 7.38 -10.34
N HIS A 103 -8.57 7.24 -9.24
CA HIS A 103 -8.93 5.91 -8.71
C HIS A 103 -9.66 5.10 -9.77
N TYR A 104 -10.66 5.70 -10.41
CA TYR A 104 -11.46 4.96 -11.37
C TYR A 104 -10.81 4.86 -12.75
N ASN A 105 -10.47 6.00 -13.35
CA ASN A 105 -9.93 6.03 -14.73
C ASN A 105 -8.49 5.59 -14.90
N LYS A 106 -7.72 5.67 -13.81
CA LYS A 106 -6.35 5.14 -13.81
C LYS A 106 -6.23 3.78 -13.09
N HIS A 107 -6.29 3.78 -11.77
CA HIS A 107 -6.14 2.51 -11.05
C HIS A 107 -7.11 1.44 -11.54
N HIS A 108 -8.41 1.68 -11.38
CA HIS A 108 -9.46 0.71 -11.69
C HIS A 108 -9.45 0.21 -13.14
N GLN A 109 -9.09 1.07 -14.08
CA GLN A 109 -9.01 0.68 -15.49
C GLN A 109 -7.71 -0.08 -15.76
N GLY A 110 -6.62 0.43 -15.18
CA GLY A 110 -5.30 -0.21 -15.27
C GLY A 110 -5.37 -1.70 -14.92
N TYR A 111 -6.00 -2.00 -13.78
CA TYR A 111 -6.24 -3.38 -13.39
C TYR A 111 -6.99 -4.19 -14.48
N ILE A 112 -7.90 -3.54 -15.20
CA ILE A 112 -8.68 -4.23 -16.22
C ILE A 112 -7.79 -4.68 -17.38
N GLN A 113 -7.05 -3.75 -17.99
CA GLN A 113 -6.07 -4.08 -19.02
C GLN A 113 -5.09 -5.13 -18.50
N LYS A 114 -4.67 -4.94 -17.25
CA LYS A 114 -3.71 -5.80 -16.61
C LYS A 114 -4.20 -7.24 -16.59
N LEU A 115 -5.47 -7.43 -16.27
CA LEU A 115 -6.07 -8.76 -16.29
C LEU A 115 -6.24 -9.32 -17.71
N LEU A 116 -6.59 -8.46 -18.66
CA LEU A 116 -6.67 -8.87 -20.05
C LEU A 116 -5.29 -9.36 -20.52
N ASP A 117 -4.25 -8.56 -20.25
CA ASP A 117 -2.87 -8.93 -20.58
C ASP A 117 -2.38 -10.24 -19.91
N ALA A 118 -2.77 -10.48 -18.65
CA ALA A 118 -2.23 -11.63 -17.90
C ALA A 118 -2.93 -12.94 -18.20
N THR A 119 -4.24 -12.89 -18.52
CA THR A 119 -4.97 -14.09 -18.93
C THR A 119 -4.75 -14.35 -20.38
N GLY A 120 -4.74 -13.27 -21.15
CA GLY A 120 -4.67 -13.36 -22.60
C GLY A 120 -6.01 -13.71 -23.20
N LEU A 121 -7.03 -13.78 -22.35
CA LEU A 121 -8.40 -14.07 -22.78
C LEU A 121 -9.16 -12.81 -23.23
N PRO A 122 -10.15 -12.99 -24.13
CA PRO A 122 -11.04 -11.87 -24.45
C PRO A 122 -12.01 -11.64 -23.30
N GLU A 123 -12.46 -10.41 -23.13
CA GLU A 123 -13.44 -10.05 -22.08
C GLU A 123 -14.52 -11.10 -21.90
N SER A 124 -15.17 -11.46 -23.01
CA SER A 124 -16.25 -12.42 -23.02
C SER A 124 -15.94 -13.81 -22.42
N ARG A 125 -14.66 -14.11 -22.13
CA ARG A 125 -14.29 -15.42 -21.57
C ARG A 125 -13.93 -15.35 -20.08
N ILE A 126 -13.83 -14.13 -19.57
CA ILE A 126 -13.40 -13.90 -18.21
C ILE A 126 -14.57 -13.87 -17.26
N ASN A 127 -14.54 -14.76 -16.27
CA ASN A 127 -15.47 -14.75 -15.17
C ASN A 127 -14.73 -14.22 -13.95
N LEU A 128 -14.95 -12.93 -13.66
CA LEU A 128 -14.24 -12.20 -12.58
C LEU A 128 -14.21 -12.87 -11.19
N LYS A 129 -15.39 -13.16 -10.63
CA LYS A 129 -15.47 -13.83 -9.33
C LYS A 129 -14.77 -15.19 -9.32
N SER A 130 -14.87 -15.93 -10.42
CA SER A 130 -14.24 -17.24 -10.49
C SER A 130 -12.73 -17.16 -10.32
N LEU A 131 -12.11 -16.15 -10.92
CA LEU A 131 -10.68 -15.87 -10.70
C LEU A 131 -10.33 -15.49 -9.26
N VAL A 132 -11.12 -14.62 -8.65
CA VAL A 132 -10.93 -14.17 -7.28
C VAL A 132 -10.99 -15.35 -6.32
N THR A 133 -11.96 -16.26 -6.52
CA THR A 133 -12.11 -17.45 -5.66
C THR A 133 -11.02 -18.48 -5.92
N LEU A 134 -10.62 -18.58 -7.18
CA LEU A 134 -9.55 -19.47 -7.59
C LEU A 134 -8.32 -19.28 -6.73
N GLY A 135 -7.93 -18.02 -6.53
CA GLY A 135 -6.79 -17.72 -5.67
C GLY A 135 -5.48 -17.47 -6.39
N PRO A 136 -4.51 -16.86 -5.69
CA PRO A 136 -3.30 -16.44 -6.39
C PRO A 136 -2.45 -17.63 -6.83
N ASP A 137 -2.54 -18.74 -6.13
CA ASP A 137 -1.76 -19.92 -6.47
C ASP A 137 -2.23 -20.65 -7.71
N ARG A 138 -3.52 -20.99 -7.73
CA ARG A 138 -4.13 -21.62 -8.88
C ARG A 138 -4.25 -20.69 -10.10
N ALA A 139 -4.51 -19.41 -9.86
CA ALA A 139 -4.76 -18.46 -10.95
C ALA A 139 -3.48 -17.82 -11.44
N GLY A 140 -2.49 -17.75 -10.57
CA GLY A 140 -1.29 -17.03 -10.94
C GLY A 140 -1.38 -15.70 -10.26
N GLU A 141 -0.31 -15.38 -9.55
CA GLU A 141 -0.16 -14.17 -8.72
C GLU A 141 -0.73 -12.92 -9.39
N ASN A 142 -0.24 -12.66 -10.60
CA ASN A 142 -0.60 -11.47 -11.33
C ASN A 142 -2.00 -11.48 -11.96
N VAL A 143 -2.51 -12.67 -12.31
CA VAL A 143 -3.91 -12.76 -12.72
C VAL A 143 -4.78 -12.42 -11.50
N PHE A 144 -4.43 -13.01 -10.35
CA PHE A 144 -5.21 -12.85 -9.15
C PHE A 144 -5.20 -11.43 -8.59
N ASN A 145 -4.04 -10.79 -8.55
CA ASN A 145 -3.91 -9.43 -8.06
C ASN A 145 -4.73 -8.45 -8.91
N ALA A 146 -4.82 -8.72 -10.20
CA ALA A 146 -5.55 -7.88 -11.08
C ALA A 146 -7.05 -8.13 -10.87
N ALA A 147 -7.48 -9.39 -11.04
CA ALA A 147 -8.87 -9.73 -10.88
C ALA A 147 -9.41 -9.25 -9.53
N GLY A 148 -8.74 -9.69 -8.46
CA GLY A 148 -9.04 -9.26 -7.10
C GLY A 148 -9.21 -7.76 -6.94
N GLN A 149 -8.28 -6.99 -7.50
CA GLN A 149 -8.43 -5.55 -7.43
C GLN A 149 -9.67 -5.03 -8.18
N ILE A 150 -10.06 -5.69 -9.27
CA ILE A 150 -11.27 -5.28 -10.02
C ILE A 150 -12.54 -5.59 -9.22
N TYR A 151 -12.65 -6.81 -8.74
CA TYR A 151 -13.77 -7.13 -7.86
C TYR A 151 -13.85 -6.15 -6.70
N ASN A 152 -12.77 -6.01 -5.95
CA ASN A 152 -12.71 -5.05 -4.84
C ASN A 152 -13.16 -3.62 -5.20
N HIS A 153 -12.62 -3.07 -6.30
CA HIS A 153 -12.96 -1.70 -6.68
C HIS A 153 -14.42 -1.64 -7.13
N ASN A 154 -14.92 -2.73 -7.69
CA ASN A 154 -16.33 -2.84 -8.02
C ASN A 154 -17.21 -2.65 -6.78
N MET A 155 -16.93 -3.46 -5.76
CA MET A 155 -17.63 -3.41 -4.49
C MET A 155 -17.57 -2.03 -3.82
N TYR A 156 -16.42 -1.36 -3.95
CA TYR A 156 -16.18 -0.05 -3.33
C TYR A 156 -17.06 1.08 -3.90
N TRP A 157 -17.14 1.19 -5.22
CA TRP A 157 -17.92 2.25 -5.80
C TRP A 157 -19.38 2.03 -5.46
N LEU A 158 -19.77 0.76 -5.43
CA LEU A 158 -21.13 0.34 -5.11
C LEU A 158 -21.46 0.55 -3.64
N SER A 159 -20.42 0.72 -2.82
CA SER A 159 -20.58 0.88 -1.37
C SER A 159 -20.82 2.32 -0.92
N MET A 160 -20.76 3.25 -1.85
CA MET A 160 -20.94 4.67 -1.53
C MET A 160 -22.16 5.22 -2.25
N VAL A 161 -22.89 6.10 -1.57
CA VAL A 161 -24.01 6.80 -2.18
C VAL A 161 -23.55 8.16 -2.72
N PRO A 162 -23.81 8.44 -4.02
CA PRO A 162 -23.40 9.76 -4.51
C PRO A 162 -24.24 10.84 -3.81
N THR A 163 -24.01 12.09 -4.15
CA THR A 163 -24.93 13.15 -3.81
C THR A 163 -26.23 12.91 -4.61
N SER A 164 -27.38 12.89 -3.92
CA SER A 164 -28.68 12.75 -4.62
C SER A 164 -28.99 11.29 -5.03
N GLY A 165 -28.17 10.37 -4.51
CA GLY A 165 -28.48 8.96 -4.58
C GLY A 165 -29.34 8.67 -3.37
N SER A 166 -29.54 7.40 -3.11
CA SER A 166 -30.33 6.92 -1.99
C SER A 166 -29.60 5.71 -1.45
N GLY A 167 -29.92 5.30 -0.23
CA GLY A 167 -29.21 4.19 0.37
C GLY A 167 -28.50 4.56 1.65
N ARG A 168 -28.63 5.81 2.08
CA ARG A 168 -28.00 6.25 3.32
C ARG A 168 -28.73 5.70 4.58
N HIS A 169 -30.02 5.40 4.46
CA HIS A 169 -30.82 4.88 5.59
C HIS A 169 -30.63 3.36 5.81
N VAL A 170 -30.59 2.88 7.07
CA VAL A 170 -30.32 1.44 7.33
C VAL A 170 -31.59 0.57 7.26
N PRO A 171 -31.71 -0.32 6.26
CA PRO A 171 -32.91 -1.17 6.22
C PRO A 171 -33.06 -1.89 7.57
N PRO A 172 -34.31 -2.03 8.08
CA PRO A 172 -34.55 -2.66 9.40
C PRO A 172 -33.87 -4.00 9.56
N ARG A 173 -33.88 -4.81 8.50
CA ARG A 173 -33.26 -6.13 8.53
C ARG A 173 -31.81 -6.05 8.94
N LEU A 174 -31.03 -5.28 8.19
CA LEU A 174 -29.63 -5.07 8.52
C LEU A 174 -29.48 -4.38 9.88
N LEU A 175 -30.31 -3.36 10.14
CA LEU A 175 -30.23 -2.65 11.41
C LEU A 175 -30.40 -3.58 12.60
N LYS A 176 -31.37 -4.49 12.54
CA LYS A 176 -31.53 -5.38 13.68
C LYS A 176 -30.25 -6.18 13.88
N LEU A 177 -29.65 -6.64 12.78
CA LEU A 177 -28.45 -7.45 12.87
C LEU A 177 -27.27 -6.65 13.44
N ILE A 178 -27.13 -5.38 13.08
CA ILE A 178 -25.98 -4.63 13.57
C ILE A 178 -26.15 -4.32 15.08
N ARG A 179 -27.39 -4.10 15.50
CA ARG A 179 -27.70 -3.86 16.92
C ARG A 179 -27.42 -5.10 17.74
N ALA A 180 -27.77 -6.26 17.19
CA ALA A 180 -27.45 -7.52 17.83
C ALA A 180 -25.93 -7.72 18.02
N ARG A 181 -25.10 -7.26 17.08
CA ARG A 181 -23.65 -7.48 17.19
C ARG A 181 -22.96 -6.46 18.06
N TRP A 182 -23.22 -5.19 17.79
CA TRP A 182 -22.45 -4.11 18.39
C TRP A 182 -23.28 -3.23 19.31
N GLY A 183 -24.59 -3.47 19.37
CA GLY A 183 -25.48 -2.65 20.21
C GLY A 183 -26.22 -1.58 19.42
N ASN A 184 -25.47 -0.64 18.88
CA ASN A 184 -26.00 0.40 17.99
C ASN A 184 -24.95 0.78 16.96
N VAL A 185 -25.37 1.54 15.96
CA VAL A 185 -24.46 1.96 14.89
C VAL A 185 -23.23 2.77 15.37
N ASP A 186 -23.36 3.46 16.49
CA ASP A 186 -22.28 4.29 16.96
C ASP A 186 -21.14 3.39 17.36
N GLU A 187 -21.48 2.31 18.07
CA GLU A 187 -20.48 1.34 18.47
C GLU A 187 -19.85 0.68 17.26
N MET A 188 -20.65 0.41 16.22
CA MET A 188 -20.15 -0.25 15.03
C MET A 188 -19.11 0.64 14.36
N LYS A 189 -19.47 1.89 14.08
CA LYS A 189 -18.51 2.83 13.53
C LYS A 189 -17.18 2.78 14.29
N GLU A 190 -17.25 2.78 15.62
CA GLU A 190 -16.06 2.88 16.46
C GLU A 190 -15.12 1.68 16.32
N ASN A 191 -15.68 0.48 16.15
CA ASN A 191 -14.88 -0.73 15.89
C ASN A 191 -14.25 -0.70 14.50
N PHE A 192 -15.02 -0.15 13.55
CA PHE A 192 -14.61 0.03 12.17
C PHE A 192 -13.44 0.99 12.05
N MET A 193 -13.48 2.07 12.85
CA MET A 193 -12.42 3.09 12.85
C MET A 193 -11.15 2.51 13.44
N ARG A 194 -11.30 1.82 14.56
CA ARG A 194 -10.24 1.07 15.19
C ARG A 194 -9.54 0.09 14.19
N LYS A 195 -10.31 -0.86 13.64
CA LYS A 195 -9.78 -1.81 12.68
C LYS A 195 -9.28 -1.14 11.37
N ALA A 196 -9.87 -0.02 10.96
CA ALA A 196 -9.57 0.49 9.63
C ALA A 196 -8.35 1.38 9.63
N THR A 197 -8.03 1.94 10.78
CA THR A 197 -6.83 2.78 10.92
C THR A 197 -5.58 1.92 11.18
N ALA A 198 -5.76 0.80 11.89
CA ALA A 198 -4.69 -0.10 12.25
C ALA A 198 -4.22 -0.97 11.10
N LEU A 199 -5.07 -1.17 10.09
CA LEU A 199 -4.67 -2.03 8.98
C LEU A 199 -3.34 -1.54 8.41
N PHE A 200 -2.32 -2.39 8.51
CA PHE A 200 -0.99 -1.99 8.12
C PHE A 200 -0.72 -2.36 6.69
N GLY A 201 -0.35 -1.37 5.90
CA GLY A 201 -0.06 -1.59 4.49
C GLY A 201 -1.21 -1.27 3.55
N SER A 202 -1.20 -1.91 2.39
CA SER A 202 -2.28 -1.78 1.41
C SER A 202 -3.32 -2.86 1.68
N GLY A 203 -4.57 -2.45 1.87
CA GLY A 203 -5.64 -3.39 2.16
C GLY A 203 -7.04 -2.85 2.02
N TRP A 204 -8.00 -3.61 2.54
CA TRP A 204 -9.44 -3.33 2.42
C TRP A 204 -10.14 -3.69 3.74
N ILE A 205 -11.20 -2.96 4.06
CA ILE A 205 -12.02 -3.25 5.25
C ILE A 205 -13.39 -3.68 4.76
N TRP A 206 -13.89 -4.80 5.27
CA TRP A 206 -15.17 -5.32 4.79
C TRP A 206 -16.15 -5.52 5.93
N LEU A 207 -17.39 -5.08 5.73
CA LEU A 207 -18.45 -5.56 6.59
C LEU A 207 -18.79 -6.88 5.93
N VAL A 208 -18.74 -7.97 6.71
CA VAL A 208 -19.17 -9.28 6.21
C VAL A 208 -20.27 -9.90 7.05
N TRP A 209 -21.02 -10.80 6.41
CA TRP A 209 -21.96 -11.64 7.14
C TRP A 209 -21.30 -13.00 7.21
N ASP A 210 -20.98 -13.41 8.42
CA ASP A 210 -20.35 -14.69 8.68
C ASP A 210 -21.39 -15.80 8.68
N THR A 211 -21.41 -16.62 7.64
CA THR A 211 -22.44 -17.66 7.50
C THR A 211 -22.25 -18.79 8.52
N ARG A 212 -21.00 -19.18 8.76
CA ARG A 212 -20.69 -20.18 9.78
C ARG A 212 -21.26 -19.79 11.14
N GLU A 213 -21.28 -18.49 11.43
CA GLU A 213 -21.64 -18.05 12.78
C GLU A 213 -22.93 -17.26 12.86
N ARG A 214 -23.55 -17.04 11.71
CA ARG A 214 -24.78 -16.26 11.61
C ARG A 214 -24.68 -14.93 12.35
N ARG A 215 -23.79 -14.07 11.88
CA ARG A 215 -23.61 -12.76 12.49
C ARG A 215 -22.73 -11.88 11.61
N LEU A 216 -22.93 -10.58 11.74
CA LEU A 216 -22.11 -9.59 11.07
C LEU A 216 -20.72 -9.52 11.69
N ASP A 217 -19.76 -9.05 10.90
CA ASP A 217 -18.40 -8.86 11.37
C ASP A 217 -17.64 -7.88 10.46
N LEU A 218 -16.53 -7.35 10.97
CA LEU A 218 -15.70 -6.40 10.24
C LEU A 218 -14.39 -7.10 10.02
N VAL A 219 -13.93 -7.15 8.78
CA VAL A 219 -12.71 -7.87 8.42
C VAL A 219 -11.76 -7.03 7.57
N GLY A 220 -10.46 -7.19 7.84
CA GLY A 220 -9.43 -6.55 7.05
C GLY A 220 -8.81 -7.59 6.14
N THR A 221 -8.50 -7.21 4.90
CA THR A 221 -7.77 -8.07 3.97
C THR A 221 -6.63 -7.27 3.35
N LYS A 222 -5.54 -7.94 3.00
CA LYS A 222 -4.40 -7.25 2.43
C LYS A 222 -4.33 -7.28 0.91
N ASP A 223 -3.78 -6.21 0.37
CA ASP A 223 -3.49 -6.06 -1.05
C ASP A 223 -4.71 -6.28 -1.92
N ALA A 224 -4.81 -7.46 -2.54
CA ALA A 224 -5.89 -7.71 -3.47
C ALA A 224 -6.81 -8.81 -2.97
N HIS A 225 -6.55 -9.32 -1.75
CA HIS A 225 -7.42 -10.33 -1.11
C HIS A 225 -8.80 -9.81 -0.65
N SER A 226 -9.72 -10.72 -0.36
CA SER A 226 -11.10 -10.38 0.00
C SER A 226 -11.77 -11.56 0.73
N PRO A 227 -12.93 -11.32 1.37
CA PRO A 227 -13.81 -12.41 1.80
C PRO A 227 -14.09 -13.43 0.69
N LEU A 228 -14.25 -12.95 -0.53
CA LEU A 228 -14.51 -13.82 -1.68
C LEU A 228 -13.30 -14.73 -1.97
N SER A 229 -12.10 -14.16 -1.96
CA SER A 229 -10.90 -14.94 -2.23
C SER A 229 -10.50 -15.78 -1.05
N GLU A 230 -10.93 -15.39 0.16
CA GLU A 230 -10.63 -16.20 1.36
C GLU A 230 -11.62 -17.33 1.43
N ASP A 231 -12.80 -17.10 0.85
CA ASP A 231 -13.74 -18.19 0.56
C ASP A 231 -13.93 -19.06 1.79
N ALA A 232 -14.06 -18.41 2.95
CA ALA A 232 -14.16 -19.10 4.24
C ALA A 232 -15.55 -18.99 4.86
N GLY A 233 -16.59 -18.80 4.04
CA GLY A 233 -17.94 -18.59 4.56
C GLY A 233 -18.37 -17.15 4.84
N LYS A 234 -17.45 -16.19 4.73
CA LYS A 234 -17.80 -14.77 4.98
C LYS A 234 -18.26 -14.01 3.72
N ILE A 235 -19.53 -13.59 3.70
CA ILE A 235 -20.14 -12.91 2.55
C ILE A 235 -19.93 -11.38 2.62
N PRO A 236 -19.15 -10.80 1.67
CA PRO A 236 -18.90 -9.33 1.58
C PRO A 236 -20.18 -8.50 1.44
N LEU A 237 -20.35 -7.47 2.28
CA LEU A 237 -21.51 -6.59 2.18
C LEU A 237 -21.16 -5.19 1.69
N PHE A 238 -20.06 -4.65 2.19
CA PHE A 238 -19.51 -3.38 1.71
C PHE A 238 -18.00 -3.37 1.83
N THR A 239 -17.32 -2.45 1.14
CA THR A 239 -15.87 -2.36 1.30
C THR A 239 -15.34 -0.92 1.29
N CYS A 240 -14.37 -0.66 2.14
CA CYS A 240 -13.72 0.63 2.14
C CYS A 240 -12.28 0.41 1.70
N ASP A 241 -11.91 1.04 0.61
CA ASP A 241 -10.54 0.94 0.13
C ASP A 241 -9.58 1.62 1.10
N VAL A 242 -8.60 0.89 1.58
CA VAL A 242 -7.63 1.50 2.47
C VAL A 242 -6.21 1.68 1.85
N TRP A 243 -6.10 1.40 0.56
CA TRP A 243 -4.87 1.70 -0.18
C TRP A 243 -4.69 3.20 -0.14
N GLU A 244 -3.45 3.65 0.01
CA GLU A 244 -3.19 5.08 0.10
C GLU A 244 -3.73 5.85 -1.10
N HIS A 245 -3.77 5.22 -2.27
CA HIS A 245 -4.32 5.91 -3.46
C HIS A 245 -5.80 6.30 -3.28
N ALA A 246 -6.51 5.60 -2.41
CA ALA A 246 -7.91 5.93 -2.19
C ALA A 246 -8.11 7.29 -1.52
N TYR A 247 -7.15 7.76 -0.72
CA TYR A 247 -7.34 9.01 0.06
C TYR A 247 -6.20 10.03 0.04
N TYR A 248 -5.06 9.66 -0.54
CA TYR A 248 -3.83 10.44 -0.34
C TYR A 248 -3.85 11.85 -0.91
N LEU A 249 -4.38 11.98 -2.12
CA LEU A 249 -4.64 13.29 -2.69
C LEU A 249 -5.44 14.18 -1.73
N ASP A 250 -6.42 13.57 -1.05
CA ASP A 250 -7.41 14.31 -0.27
C ASP A 250 -7.04 14.51 1.21
N TYR A 251 -6.40 13.52 1.82
CA TYR A 251 -6.15 13.55 3.26
C TYR A 251 -4.69 13.27 3.65
N GLN A 252 -3.88 12.93 2.66
CA GLN A 252 -2.49 12.53 2.88
C GLN A 252 -2.38 11.44 3.96
N HIS A 253 -1.50 11.62 4.94
CA HIS A 253 -1.25 10.61 6.00
C HIS A 253 -2.48 10.33 6.86
N ASP A 254 -3.47 11.22 6.79
CA ASP A 254 -4.59 11.21 7.73
C ASP A 254 -5.68 10.25 7.30
N ARG A 255 -5.40 8.96 7.40
CA ARG A 255 -6.37 7.93 7.03
C ARG A 255 -7.65 8.00 7.89
N ALA A 256 -7.50 8.35 9.16
CA ALA A 256 -8.64 8.41 10.08
C ALA A 256 -9.63 9.49 9.66
N ALA A 257 -9.11 10.61 9.19
CA ALA A 257 -9.97 11.69 8.68
C ALA A 257 -10.78 11.17 7.50
N TYR A 258 -10.11 10.48 6.59
CA TYR A 258 -10.77 9.88 5.43
C TYR A 258 -11.87 8.93 5.85
N LEU A 259 -11.50 7.96 6.66
CA LEU A 259 -12.39 6.98 7.27
C LEU A 259 -13.67 7.56 7.99
N THR A 260 -13.51 8.54 8.90
CA THR A 260 -14.69 9.15 9.60
C THR A 260 -15.72 9.67 8.62
N ARG A 261 -15.22 10.20 7.51
CA ARG A 261 -16.07 10.78 6.50
C ARG A 261 -16.59 9.76 5.51
N TRP A 262 -15.79 8.74 5.22
CA TRP A 262 -16.25 7.68 4.32
C TRP A 262 -17.44 6.95 4.95
N TRP A 263 -17.52 6.96 6.27
CA TRP A 263 -18.65 6.37 6.96
C TRP A 263 -19.96 7.02 6.54
N SER A 264 -19.95 8.33 6.48
CA SER A 264 -21.11 9.10 6.04
C SER A 264 -21.58 8.76 4.60
N LEU A 265 -20.74 8.02 3.86
CA LEU A 265 -21.04 7.67 2.48
C LEU A 265 -21.69 6.31 2.28
N ILE A 266 -21.67 5.48 3.32
CA ILE A 266 -22.05 4.07 3.17
C ILE A 266 -23.42 3.85 2.53
N ASN A 267 -23.46 3.02 1.49
CA ASN A 267 -24.73 2.56 0.94
C ASN A 267 -25.28 1.36 1.73
N TRP A 268 -25.96 1.65 2.82
CA TRP A 268 -26.54 0.65 3.70
C TRP A 268 -27.54 -0.30 3.03
N GLU A 269 -28.25 0.22 2.04
CA GLU A 269 -29.13 -0.59 1.19
C GLU A 269 -28.34 -1.66 0.47
N PHE A 270 -27.27 -1.24 -0.19
CA PHE A 270 -26.45 -2.15 -0.95
C PHE A 270 -25.96 -3.26 -0.01
N ALA A 271 -25.47 -2.85 1.16
CA ALA A 271 -24.99 -3.80 2.17
C ALA A 271 -26.08 -4.79 2.57
N ASP A 272 -27.30 -4.31 2.76
CA ASP A 272 -28.36 -5.19 3.18
C ASP A 272 -28.68 -6.15 2.05
N SER A 273 -28.67 -5.65 0.82
CA SER A 273 -28.93 -6.51 -0.36
C SER A 273 -27.93 -7.66 -0.59
N ASN A 274 -26.75 -7.59 0.01
CA ASN A 274 -25.79 -8.69 -0.13
C ASN A 274 -26.00 -9.82 0.87
N LEU A 275 -26.93 -9.61 1.78
CA LEU A 275 -27.28 -10.61 2.80
C LEU A 275 -27.85 -11.84 2.14
N LEU B 80 16.21 11.93 15.86
CA LEU B 80 16.26 10.86 16.89
C LEU B 80 16.08 9.56 16.16
N ARG B 81 17.10 9.23 15.36
CA ARG B 81 16.94 8.25 14.30
C ARG B 81 15.69 8.66 13.50
N MET B 82 15.82 9.69 12.64
CA MET B 82 17.10 10.38 12.34
C MET B 82 16.89 11.87 12.03
N THR B 83 17.87 12.46 11.36
CA THR B 83 17.78 13.83 10.86
C THR B 83 18.06 13.91 9.34
N LEU B 84 17.29 14.73 8.63
CA LEU B 84 17.36 14.84 7.18
C LEU B 84 18.63 15.59 6.74
N PRO B 85 19.36 15.05 5.74
CA PRO B 85 20.62 15.60 5.21
C PRO B 85 20.44 16.91 4.45
N TYR B 86 19.26 17.10 3.87
CA TYR B 86 18.99 18.22 2.96
C TYR B 86 17.70 18.93 3.36
N GLY B 87 17.37 20.04 2.72
CA GLY B 87 16.09 20.70 2.97
C GLY B 87 14.98 20.06 2.15
N LEU B 88 13.72 20.39 2.48
CA LEU B 88 12.52 19.75 1.87
C LEU B 88 12.47 19.90 0.37
N GLU B 89 13.17 20.91 -0.14
CA GLU B 89 13.14 21.23 -1.56
C GLU B 89 14.32 20.62 -2.31
N ALA B 90 15.25 20.01 -1.57
CA ALA B 90 16.52 19.52 -2.10
C ALA B 90 16.42 18.40 -3.16
N LEU B 91 15.26 17.77 -3.24
CA LEU B 91 15.03 16.66 -4.16
C LEU B 91 14.12 17.01 -5.33
N GLU B 92 13.62 18.23 -5.36
CA GLU B 92 12.91 18.75 -6.53
C GLU B 92 13.86 18.80 -7.73
N PRO B 93 13.37 18.55 -8.97
CA PRO B 93 11.99 18.23 -9.38
C PRO B 93 11.54 16.77 -9.35
N VAL B 94 12.36 15.86 -8.85
CA VAL B 94 11.98 14.45 -8.80
C VAL B 94 10.93 14.21 -7.71
N ILE B 95 11.20 14.70 -6.50
CA ILE B 95 10.29 14.56 -5.36
C ILE B 95 9.99 15.95 -4.78
N SER B 96 8.71 16.26 -4.57
CA SER B 96 8.32 17.64 -4.25
C SER B 96 8.51 17.98 -2.77
N ALA B 97 8.72 19.26 -2.48
CA ALA B 97 8.82 19.72 -1.10
C ALA B 97 7.66 19.15 -0.29
N ALA B 98 6.43 19.27 -0.79
CA ALA B 98 5.29 18.73 -0.07
C ALA B 98 5.45 17.24 0.27
N THR B 99 5.85 16.42 -0.71
CA THR B 99 6.03 14.98 -0.45
C THR B 99 7.10 14.71 0.64
N VAL B 100 8.22 15.43 0.60
CA VAL B 100 9.28 15.24 1.61
C VAL B 100 8.80 15.64 3.02
N ASP B 101 7.91 16.63 3.07
CA ASP B 101 7.35 17.14 4.32
C ASP B 101 6.41 16.12 4.96
N PHE B 102 5.39 15.69 4.21
CA PHE B 102 4.53 14.61 4.65
C PHE B 102 5.29 13.30 4.89
N HIS B 103 6.08 12.85 3.90
CA HIS B 103 6.77 11.56 4.00
C HIS B 103 7.58 11.52 5.28
N TYR B 104 8.39 12.56 5.51
CA TYR B 104 9.31 12.63 6.64
C TYR B 104 8.74 13.08 7.98
N ASN B 105 7.93 14.13 7.99
CA ASN B 105 7.38 14.71 9.23
C ASN B 105 6.18 13.99 9.81
N LYS B 106 5.30 13.49 8.96
CA LYS B 106 4.16 12.72 9.43
C LYS B 106 4.44 11.22 9.39
N HIS B 107 4.77 10.69 8.20
CA HIS B 107 4.99 9.24 8.06
C HIS B 107 6.17 8.79 8.87
N HIS B 108 7.36 9.21 8.46
CA HIS B 108 8.59 8.72 9.08
C HIS B 108 8.56 8.98 10.58
N GLN B 109 8.46 10.25 10.94
CA GLN B 109 8.52 10.64 12.34
C GLN B 109 7.42 9.99 13.19
N GLY B 110 6.21 9.94 12.65
CA GLY B 110 5.07 9.33 13.32
C GLY B 110 5.26 7.93 13.84
N TYR B 111 6.07 7.13 13.18
CA TYR B 111 6.34 5.77 13.64
C TYR B 111 7.19 5.72 14.90
N ILE B 112 7.96 6.78 15.16
CA ILE B 112 8.79 6.93 16.35
C ILE B 112 7.97 6.87 17.65
N GLN B 113 6.87 7.62 17.68
CA GLN B 113 5.96 7.62 18.79
C GLN B 113 5.12 6.36 18.85
N LYS B 114 5.02 5.65 17.72
CA LYS B 114 4.31 4.37 17.70
C LYS B 114 5.18 3.28 18.32
N LEU B 115 6.48 3.39 18.10
CA LEU B 115 7.45 2.41 18.58
C LEU B 115 7.56 2.47 20.11
N LEU B 116 7.71 3.69 20.61
CA LEU B 116 7.79 3.96 22.06
C LEU B 116 6.64 3.36 22.86
N ASP B 117 5.43 3.58 22.34
CA ASP B 117 4.20 3.07 22.96
C ASP B 117 4.05 1.55 22.88
N ALA B 118 4.39 0.98 21.73
CA ALA B 118 4.24 -0.45 21.50
C ALA B 118 5.21 -1.27 22.37
N THR B 119 6.37 -0.68 22.67
CA THR B 119 7.39 -1.32 23.53
C THR B 119 7.35 -0.87 24.99
N GLY B 120 6.71 0.27 25.26
CA GLY B 120 6.75 0.92 26.57
C GLY B 120 8.14 1.33 27.03
N LEU B 121 9.09 1.50 26.09
CA LEU B 121 10.50 1.77 26.40
C LEU B 121 10.92 3.20 26.09
N PRO B 122 12.03 3.69 26.70
CA PRO B 122 12.55 5.00 26.28
C PRO B 122 13.53 4.86 25.10
N GLU B 123 13.77 5.98 24.42
CA GLU B 123 14.71 6.02 23.28
C GLU B 123 16.03 5.33 23.61
N SER B 124 16.58 5.65 24.79
CA SER B 124 17.84 5.11 25.27
C SER B 124 17.86 3.57 25.32
N ARG B 125 16.71 2.96 25.55
CA ARG B 125 16.61 1.49 25.69
C ARG B 125 16.14 0.76 24.44
N ILE B 126 16.00 1.46 23.31
CA ILE B 126 15.61 0.77 22.08
C ILE B 126 16.75 0.68 21.09
N ASN B 127 17.10 -0.54 20.70
CA ASN B 127 18.03 -0.72 19.61
C ASN B 127 17.25 -1.08 18.36
N LEU B 128 17.29 -0.19 17.37
CA LEU B 128 16.47 -0.31 16.15
C LEU B 128 16.67 -1.61 15.38
N LYS B 129 17.92 -1.90 15.02
CA LYS B 129 18.28 -3.13 14.30
C LYS B 129 17.89 -4.40 15.06
N SER B 130 17.98 -4.35 16.40
CA SER B 130 17.64 -5.49 17.23
C SER B 130 16.22 -5.93 17.04
N LEU B 131 15.29 -4.98 17.10
CA LEU B 131 13.87 -5.28 16.95
C LEU B 131 13.57 -5.71 15.53
N VAL B 132 14.18 -5.04 14.55
CA VAL B 132 14.01 -5.41 13.14
C VAL B 132 14.43 -6.87 12.87
N THR B 133 15.65 -7.26 13.26
CA THR B 133 16.10 -8.63 13.08
C THR B 133 15.32 -9.66 13.92
N LEU B 134 14.61 -9.20 14.95
CA LEU B 134 13.76 -10.10 15.74
C LEU B 134 12.56 -10.59 14.98
N GLY B 135 12.02 -9.74 14.09
CA GLY B 135 10.82 -10.07 13.35
C GLY B 135 9.55 -9.92 14.18
N PRO B 136 8.36 -9.83 13.52
CA PRO B 136 7.07 -9.56 14.19
C PRO B 136 6.60 -10.62 15.18
N ASP B 137 7.02 -11.88 15.01
CA ASP B 137 6.71 -12.92 16.02
C ASP B 137 7.46 -12.68 17.32
N ARG B 138 8.77 -12.45 17.24
CA ARG B 138 9.54 -12.14 18.43
C ARG B 138 9.26 -10.75 19.02
N ALA B 139 9.35 -9.71 18.18
CA ALA B 139 9.15 -8.36 18.69
C ALA B 139 7.68 -8.02 18.96
N GLY B 140 6.78 -8.69 18.23
CA GLY B 140 5.36 -8.36 18.24
C GLY B 140 5.04 -7.46 17.05
N GLU B 141 3.84 -7.63 16.50
CA GLU B 141 3.46 -7.03 15.22
C GLU B 141 3.66 -5.52 15.10
N ASN B 142 3.21 -4.77 16.11
CA ASN B 142 3.30 -3.32 16.06
C ASN B 142 4.69 -2.79 16.29
N VAL B 143 5.38 -3.38 17.25
CA VAL B 143 6.78 -3.05 17.49
C VAL B 143 7.54 -3.23 16.18
N PHE B 144 7.38 -4.39 15.54
CA PHE B 144 8.11 -4.69 14.32
C PHE B 144 7.79 -3.68 13.20
N ASN B 145 6.49 -3.52 12.90
CA ASN B 145 6.07 -2.68 11.80
C ASN B 145 6.65 -1.28 11.94
N ALA B 146 6.75 -0.83 13.19
CA ALA B 146 7.17 0.53 13.46
C ALA B 146 8.68 0.62 13.32
N ALA B 147 9.40 -0.29 13.96
CA ALA B 147 10.85 -0.19 14.00
C ALA B 147 11.39 -0.39 12.60
N GLY B 148 10.81 -1.34 11.86
CA GLY B 148 11.17 -1.59 10.46
C GLY B 148 11.01 -0.37 9.57
N GLN B 149 9.94 0.40 9.80
CA GLN B 149 9.65 1.60 9.02
C GLN B 149 10.58 2.76 9.35
N ILE B 150 11.06 2.82 10.60
CA ILE B 150 12.01 3.88 10.98
C ILE B 150 13.35 3.52 10.37
N TYR B 151 13.72 2.25 10.42
CA TYR B 151 14.92 1.80 9.77
C TYR B 151 14.81 2.01 8.26
N ASN B 152 13.75 1.49 7.64
CA ASN B 152 13.64 1.57 6.17
C ASN B 152 13.70 3.03 5.69
N HIS B 153 13.06 3.92 6.42
CA HIS B 153 13.03 5.33 6.05
C HIS B 153 14.40 5.98 6.33
N ASN B 154 15.03 5.65 7.45
CA ASN B 154 16.41 6.08 7.66
C ASN B 154 17.29 5.77 6.46
N MET B 155 17.17 4.55 5.91
CA MET B 155 17.97 4.16 4.73
C MET B 155 17.56 4.92 3.46
N TYR B 156 16.25 5.17 3.35
CA TYR B 156 15.69 5.79 2.19
C TYR B 156 16.27 7.18 1.99
N TRP B 157 16.14 8.04 3.00
CA TRP B 157 16.70 9.39 2.92
C TRP B 157 18.20 9.40 2.65
N LEU B 158 18.95 8.49 3.26
CA LEU B 158 20.39 8.54 3.09
C LEU B 158 20.78 7.98 1.71
N SER B 159 19.85 7.27 1.05
CA SER B 159 20.08 6.73 -0.29
C SER B 159 19.92 7.78 -1.38
N MET B 160 19.53 8.99 -0.98
CA MET B 160 19.31 10.05 -1.96
C MET B 160 20.31 11.19 -1.79
N VAL B 161 20.62 11.89 -2.89
CA VAL B 161 21.35 13.15 -2.77
C VAL B 161 20.50 14.22 -3.41
N PRO B 162 20.72 15.50 -3.01
CA PRO B 162 19.96 16.64 -3.57
C PRO B 162 20.15 16.65 -5.08
N THR B 163 19.16 17.10 -5.84
CA THR B 163 19.26 17.06 -7.32
C THR B 163 20.43 17.86 -7.84
N SER B 164 20.86 18.88 -7.10
CA SER B 164 22.04 19.64 -7.44
C SER B 164 23.33 18.82 -7.31
N GLY B 165 23.28 17.79 -6.48
CA GLY B 165 24.41 16.89 -6.30
C GLY B 165 24.31 15.64 -7.15
N SER B 166 23.27 15.55 -8.00
CA SER B 166 23.07 14.38 -8.87
C SER B 166 24.26 14.15 -9.79
N GLY B 167 24.24 13.04 -10.52
CA GLY B 167 25.20 12.76 -11.58
C GLY B 167 26.65 12.49 -11.18
N ARG B 168 26.90 12.19 -9.91
CA ARG B 168 28.23 11.86 -9.41
C ARG B 168 28.64 10.46 -9.88
N HIS B 169 29.93 10.18 -10.02
CA HIS B 169 30.33 8.84 -10.48
C HIS B 169 30.05 7.88 -9.36
N VAL B 170 29.65 6.68 -9.73
CA VAL B 170 29.56 5.66 -8.71
C VAL B 170 31.00 5.29 -8.38
N PRO B 171 31.35 5.23 -7.06
CA PRO B 171 32.70 4.87 -6.65
C PRO B 171 33.18 3.64 -7.42
N PRO B 172 34.50 3.60 -7.74
CA PRO B 172 35.07 2.55 -8.59
C PRO B 172 34.89 1.14 -8.04
N ARG B 173 34.91 1.00 -6.71
CA ARG B 173 34.74 -0.32 -6.10
C ARG B 173 33.31 -0.83 -6.31
N LEU B 174 32.34 0.06 -6.15
CA LEU B 174 30.96 -0.31 -6.33
C LEU B 174 30.71 -0.57 -7.83
N LEU B 175 31.34 0.23 -8.68
CA LEU B 175 31.09 0.13 -10.10
C LEU B 175 31.48 -1.24 -10.67
N LYS B 176 32.70 -1.69 -10.36
CA LYS B 176 33.19 -2.98 -10.82
C LYS B 176 32.30 -4.15 -10.33
N LEU B 177 31.68 -3.98 -9.16
CA LEU B 177 30.70 -4.95 -8.65
C LEU B 177 29.40 -4.93 -9.48
N ILE B 178 28.95 -3.73 -9.81
CA ILE B 178 27.80 -3.52 -10.69
C ILE B 178 28.03 -4.18 -12.06
N ARG B 179 29.21 -3.95 -12.64
CA ARG B 179 29.54 -4.46 -13.96
C ARG B 179 29.65 -5.96 -13.95
N ALA B 180 30.36 -6.46 -12.94
CA ALA B 180 30.41 -7.89 -12.66
C ALA B 180 28.98 -8.49 -12.75
N ARG B 181 28.00 -7.85 -12.11
CA ARG B 181 26.64 -8.39 -12.08
C ARG B 181 25.76 -8.16 -13.26
N TRP B 182 25.66 -6.94 -13.76
CA TRP B 182 24.72 -6.67 -14.84
C TRP B 182 25.38 -6.13 -16.09
N GLY B 183 26.70 -6.23 -16.22
CA GLY B 183 27.38 -5.69 -17.40
C GLY B 183 27.74 -4.22 -17.30
N ASN B 184 26.74 -3.33 -17.23
CA ASN B 184 26.98 -1.95 -16.76
C ASN B 184 25.78 -1.50 -15.95
N VAL B 185 25.81 -0.23 -15.55
CA VAL B 185 24.77 0.39 -14.74
C VAL B 185 23.45 0.48 -15.46
N ASP B 186 23.48 0.82 -16.75
CA ASP B 186 22.24 0.84 -17.52
C ASP B 186 21.42 -0.46 -17.43
N GLU B 187 22.09 -1.60 -17.54
CA GLU B 187 21.41 -2.88 -17.40
C GLU B 187 20.89 -3.10 -15.97
N MET B 188 21.65 -2.68 -14.98
CA MET B 188 21.16 -2.63 -13.60
C MET B 188 19.86 -1.84 -13.53
N LYS B 189 19.84 -0.64 -14.12
CA LYS B 189 18.68 0.25 -13.99
C LYS B 189 17.43 -0.38 -14.55
N GLU B 190 17.60 -1.16 -15.62
CA GLU B 190 16.50 -1.82 -16.31
C GLU B 190 15.92 -2.93 -15.40
N ASN B 191 16.82 -3.66 -14.76
CA ASN B 191 16.44 -4.65 -13.75
C ASN B 191 15.74 -3.97 -12.57
N PHE B 192 16.18 -2.78 -12.20
CA PHE B 192 15.58 -2.07 -11.08
C PHE B 192 14.14 -1.69 -11.41
N MET B 193 13.94 -1.13 -12.60
CA MET B 193 12.63 -0.71 -13.05
C MET B 193 11.67 -1.89 -13.07
N ARG B 194 12.11 -3.03 -13.63
CA ARG B 194 11.25 -4.20 -13.73
C ARG B 194 10.80 -4.65 -12.35
N LYS B 195 11.75 -4.86 -11.45
CA LYS B 195 11.43 -5.25 -10.07
C LYS B 195 10.64 -4.21 -9.27
N ALA B 196 11.11 -2.97 -9.27
CA ALA B 196 10.40 -1.88 -8.59
C ALA B 196 9.00 -1.59 -9.12
N THR B 197 8.76 -1.81 -10.41
CA THR B 197 7.42 -1.59 -10.98
C THR B 197 6.47 -2.78 -10.74
N ALA B 198 6.99 -3.95 -10.50
CA ALA B 198 6.13 -5.12 -10.32
C ALA B 198 5.67 -5.37 -8.88
N LEU B 199 6.39 -4.79 -7.91
CA LEU B 199 6.05 -5.01 -6.51
C LEU B 199 4.59 -4.58 -6.29
N PHE B 200 3.75 -5.51 -5.87
CA PHE B 200 2.31 -5.24 -5.68
C PHE B 200 1.96 -4.83 -4.26
N GLY B 201 1.23 -3.73 -4.12
CA GLY B 201 0.96 -3.15 -2.80
C GLY B 201 2.11 -2.34 -2.25
N SER B 202 2.14 -2.23 -0.92
CA SER B 202 3.19 -1.46 -0.21
C SER B 202 4.49 -2.27 -0.08
N GLY B 203 5.61 -1.60 -0.25
CA GLY B 203 6.87 -2.25 0.02
C GLY B 203 8.08 -1.42 -0.31
N TRP B 204 9.19 -2.11 -0.49
CA TRP B 204 10.49 -1.49 -0.68
C TRP B 204 11.35 -2.26 -1.67
N ILE B 205 12.19 -1.51 -2.38
CA ILE B 205 13.15 -2.08 -3.30
C ILE B 205 14.53 -1.74 -2.79
N TRP B 206 15.39 -2.76 -2.73
CA TRP B 206 16.72 -2.62 -2.16
C TRP B 206 17.78 -3.04 -3.14
N LEU B 207 18.90 -2.32 -3.11
CA LEU B 207 20.16 -2.90 -3.55
C LEU B 207 20.81 -3.52 -2.31
N VAL B 208 21.21 -4.78 -2.45
CA VAL B 208 21.85 -5.57 -1.40
C VAL B 208 23.18 -6.13 -1.90
N TRP B 209 24.11 -6.40 -0.98
CA TRP B 209 25.25 -7.26 -1.27
C TRP B 209 24.79 -8.65 -0.80
N ASP B 210 24.87 -9.64 -1.69
CA ASP B 210 24.40 -10.94 -1.30
C ASP B 210 25.57 -11.73 -0.82
N THR B 211 25.84 -11.66 0.48
CA THR B 211 26.95 -12.41 1.10
C THR B 211 27.00 -13.86 0.66
N ARG B 212 25.90 -14.59 0.81
CA ARG B 212 25.85 -16.00 0.44
C ARG B 212 26.26 -16.22 -1.00
N GLU B 213 25.90 -15.28 -1.88
CA GLU B 213 26.13 -15.39 -3.33
C GLU B 213 27.28 -14.53 -3.84
N ARG B 214 28.00 -13.84 -2.95
CA ARG B 214 29.18 -13.02 -3.31
C ARG B 214 28.95 -12.02 -4.44
N ARG B 215 27.78 -11.39 -4.47
CA ARG B 215 27.40 -10.50 -5.58
C ARG B 215 26.33 -9.47 -5.24
N LEU B 216 26.35 -8.35 -5.95
CA LEU B 216 25.25 -7.39 -5.88
C LEU B 216 23.92 -8.03 -6.29
N ASP B 217 22.84 -7.60 -5.64
CA ASP B 217 21.50 -7.96 -6.08
C ASP B 217 20.46 -6.90 -5.75
N LEU B 218 19.38 -6.90 -6.52
CA LEU B 218 18.20 -6.10 -6.25
C LEU B 218 17.03 -7.01 -5.79
N VAL B 219 16.46 -6.65 -4.64
CA VAL B 219 15.31 -7.38 -4.09
C VAL B 219 14.22 -6.40 -3.65
N GLY B 220 12.98 -6.88 -3.63
CA GLY B 220 11.86 -6.18 -3.01
C GLY B 220 11.42 -6.90 -1.76
N THR B 221 10.95 -6.16 -0.77
CA THR B 221 10.35 -6.72 0.46
C THR B 221 9.02 -6.04 0.66
N LYS B 222 8.11 -6.69 1.37
CA LYS B 222 6.76 -6.16 1.55
C LYS B 222 6.60 -5.37 2.85
N ASP B 223 5.74 -4.35 2.81
CA ASP B 223 5.36 -3.55 3.99
C ASP B 223 6.51 -2.94 4.79
N ALA B 224 6.75 -3.47 5.98
CA ALA B 224 7.81 -2.94 6.82
C ALA B 224 9.09 -3.81 6.77
N HIS B 225 9.01 -4.92 6.05
CA HIS B 225 10.11 -5.87 5.95
C HIS B 225 11.31 -5.30 5.19
N SER B 226 12.44 -5.98 5.29
CA SER B 226 13.69 -5.53 4.72
C SER B 226 14.68 -6.69 4.64
N PRO B 227 15.79 -6.50 3.91
CA PRO B 227 16.84 -7.50 3.91
C PRO B 227 17.35 -7.74 5.33
N LEU B 228 17.37 -6.67 6.15
CA LEU B 228 17.67 -6.74 7.60
C LEU B 228 16.70 -7.67 8.36
N SER B 229 15.41 -7.53 8.07
CA SER B 229 14.40 -8.47 8.53
C SER B 229 14.65 -9.91 8.10
N GLU B 230 14.88 -10.12 6.81
CA GLU B 230 15.15 -11.45 6.29
C GLU B 230 16.26 -12.15 7.09
N ASP B 231 17.39 -11.47 7.26
CA ASP B 231 18.48 -11.94 8.14
C ASP B 231 19.25 -13.18 7.59
N ALA B 232 19.00 -13.53 6.32
CA ALA B 232 19.67 -14.65 5.67
C ALA B 232 21.16 -14.32 5.35
N GLY B 233 21.40 -13.12 4.81
CA GLY B 233 22.77 -12.59 4.67
C GLY B 233 22.86 -11.47 3.65
N LYS B 234 21.73 -10.89 3.29
CA LYS B 234 21.69 -9.86 2.26
C LYS B 234 21.84 -8.46 2.90
N ILE B 235 22.97 -7.81 2.69
CA ILE B 235 23.25 -6.52 3.33
C ILE B 235 22.70 -5.37 2.50
N PRO B 236 21.90 -4.46 3.14
CA PRO B 236 21.25 -3.39 2.40
C PRO B 236 22.25 -2.31 2.07
N LEU B 237 22.30 -1.93 0.80
CA LEU B 237 23.21 -0.88 0.38
C LEU B 237 22.45 0.43 0.10
N PHE B 238 21.32 0.35 -0.62
CA PHE B 238 20.38 1.48 -0.73
C PHE B 238 18.93 0.98 -0.80
N THR B 239 17.96 1.85 -0.53
CA THR B 239 16.53 1.50 -0.67
C THR B 239 15.72 2.59 -1.36
N CYS B 240 14.80 2.15 -2.21
CA CYS B 240 13.84 3.04 -2.80
C CYS B 240 12.48 2.69 -2.25
N ASP B 241 11.87 3.65 -1.55
CA ASP B 241 10.54 3.47 -0.94
C ASP B 241 9.49 3.40 -2.04
N VAL B 242 8.65 2.36 -2.00
CA VAL B 242 7.67 2.16 -3.06
C VAL B 242 6.18 2.21 -2.60
N TRP B 243 5.97 2.56 -1.32
CA TRP B 243 4.62 2.87 -0.81
C TRP B 243 4.09 4.04 -1.60
N GLU B 244 2.78 4.08 -1.82
CA GLU B 244 2.22 5.14 -2.63
C GLU B 244 2.42 6.53 -1.99
N HIS B 245 2.54 6.61 -0.66
CA HIS B 245 2.79 7.88 0.00
C HIS B 245 4.09 8.49 -0.52
N ALA B 246 4.99 7.63 -1.00
CA ALA B 246 6.30 8.07 -1.48
C ALA B 246 6.18 8.89 -2.74
N TYR B 247 5.13 8.66 -3.53
CA TYR B 247 5.08 9.30 -4.86
C TYR B 247 3.73 9.88 -5.27
N TYR B 248 2.69 9.64 -4.47
CA TYR B 248 1.32 9.90 -4.96
C TYR B 248 0.99 11.35 -5.26
N LEU B 249 1.49 12.28 -4.47
CA LEU B 249 1.22 13.70 -4.68
C LEU B 249 1.90 14.27 -5.92
N ASP B 250 2.92 13.57 -6.39
CA ASP B 250 3.74 14.03 -7.50
C ASP B 250 3.47 13.25 -8.76
N TYR B 251 3.31 11.92 -8.62
CA TYR B 251 3.15 11.07 -9.81
C TYR B 251 1.86 10.26 -9.88
N GLN B 252 1.03 10.38 -8.86
CA GLN B 252 -0.19 9.56 -8.70
C GLN B 252 0.05 8.09 -9.02
N HIS B 253 -0.76 7.49 -9.87
CA HIS B 253 -0.66 6.06 -10.22
C HIS B 253 0.63 5.72 -10.95
N ASP B 254 1.30 6.74 -11.49
CA ASP B 254 2.44 6.49 -12.37
C ASP B 254 3.76 6.19 -11.64
N ARG B 255 3.88 5.00 -11.06
CA ARG B 255 5.05 4.69 -10.25
C ARG B 255 6.33 4.67 -11.08
N ALA B 256 6.27 4.06 -12.25
CA ALA B 256 7.40 4.05 -13.20
C ALA B 256 8.01 5.46 -13.30
N ALA B 257 7.17 6.47 -13.46
CA ALA B 257 7.62 7.84 -13.59
C ALA B 257 8.45 8.27 -12.37
N TYR B 258 7.94 7.99 -11.19
CA TYR B 258 8.70 8.19 -9.97
C TYR B 258 10.01 7.42 -9.99
N LEU B 259 9.93 6.15 -10.38
CA LEU B 259 11.09 5.25 -10.43
C LEU B 259 12.28 5.70 -11.29
N THR B 260 12.08 6.03 -12.57
CA THR B 260 13.21 6.39 -13.48
C THR B 260 13.92 7.66 -13.06
N ARG B 261 13.16 8.62 -12.55
CA ARG B 261 13.73 9.88 -12.07
C ARG B 261 14.37 9.75 -10.67
N TRP B 262 13.77 8.97 -9.77
CA TRP B 262 14.39 8.72 -8.45
C TRP B 262 15.83 8.24 -8.62
N TRP B 263 16.04 7.38 -9.62
CA TRP B 263 17.35 6.83 -9.95
C TRP B 263 18.45 7.89 -10.06
N SER B 264 18.12 9.08 -10.54
CA SER B 264 19.13 10.13 -10.66
C SER B 264 19.63 10.62 -9.29
N LEU B 265 18.88 10.28 -8.24
CA LEU B 265 19.22 10.76 -6.90
C LEU B 265 20.05 9.77 -6.08
N ILE B 266 20.31 8.59 -6.63
CA ILE B 266 20.95 7.56 -5.84
C ILE B 266 22.27 8.04 -5.25
N ASN B 267 22.39 7.90 -3.93
CA ASN B 267 23.64 8.18 -3.22
C ASN B 267 24.59 6.98 -3.29
N TRP B 268 25.37 6.93 -4.36
CA TRP B 268 26.38 5.91 -4.57
C TRP B 268 27.46 5.87 -3.47
N GLU B 269 27.89 7.04 -2.99
CA GLU B 269 28.80 7.11 -1.86
C GLU B 269 28.25 6.31 -0.70
N PHE B 270 27.00 6.59 -0.33
CA PHE B 270 26.37 5.86 0.76
C PHE B 270 26.36 4.38 0.42
N ALA B 271 25.79 4.05 -0.76
CA ALA B 271 25.66 2.66 -1.20
C ALA B 271 26.96 1.90 -1.05
N ASP B 272 28.03 2.43 -1.65
CA ASP B 272 29.35 1.78 -1.61
C ASP B 272 29.88 1.64 -0.16
N SER B 273 29.72 2.73 0.61
CA SER B 273 30.06 2.73 2.02
C SER B 273 29.34 1.65 2.82
N ASN B 274 28.24 1.11 2.29
CA ASN B 274 27.48 0.10 3.02
C ASN B 274 27.98 -1.34 2.85
N LEU B 275 28.97 -1.55 1.97
CA LEU B 275 29.53 -2.86 1.66
C LEU B 275 30.18 -3.50 2.88
#